data_4TQ1
#
_entry.id   4TQ1
#
_cell.length_a   43.618
_cell.length_b   71.919
_cell.length_c   96.354
_cell.angle_alpha   90.00
_cell.angle_beta   90.00
_cell.angle_gamma   90.00
#
_symmetry.space_group_name_H-M   'P 21 21 21'
#
loop_
_entity.id
_entity.type
_entity.pdbx_description
1 polymer 'Autophagy protein 5'
2 polymer 'Tectonin beta-propeller repeat-containing protein 1'
3 water water
#
loop_
_entity_poly.entity_id
_entity_poly.type
_entity_poly.pdbx_seq_one_letter_code
_entity_poly.pdbx_strand_id
1 'polypeptide(L)'
;MGSSHHHHHHSQGSMTDDKDVLRDVWFGRIPTCFTLYQDEITEREAEPYYLLLPRVSYLTLVTDKVKKHFQKVMRQEDIS
EIWFEYEGTPLKWHYPIGLLFDLLASSSALPWNITVHFKSFPEKDLLHCPSKDAIEAHFMSCMKEADALKHKSQVINEMQ
KKDHKQLWMGLQNDRFDQFWAINRKLMEYPAEENGFRYIPFRIYQTTTERPFIQKLFRPVAADGQLHTLGDLLKEVCPSA
IDPEDGEKKNQVMIHGIEPMLETPLQWLSEHLSYPDNFLHISIIPQPTD
;
A
2 'polypeptide(L)' MAQTAAWRKQIFQQLTERTKRELENFRHYEQAVEQSVWV B
#
# COMPACT_ATOMS: atom_id res chain seq x y z
N ASP A 17 -20.30 3.05 7.25
CA ASP A 17 -19.14 3.83 7.67
C ASP A 17 -17.86 3.09 7.36
N ASP A 18 -17.75 1.85 7.84
CA ASP A 18 -16.52 1.10 7.60
C ASP A 18 -16.35 0.74 6.13
N LYS A 19 -17.44 0.48 5.42
CA LYS A 19 -17.37 0.29 3.98
C LYS A 19 -16.86 1.55 3.28
N ASP A 20 -17.24 2.73 3.78
CA ASP A 20 -16.72 3.98 3.26
C ASP A 20 -15.19 4.06 3.38
N VAL A 21 -14.65 3.46 4.43
CA VAL A 21 -13.19 3.47 4.61
C VAL A 21 -12.53 2.61 3.54
N LEU A 22 -13.11 1.45 3.24
CA LEU A 22 -12.59 0.58 2.18
C LEU A 22 -12.52 1.32 0.85
N ARG A 23 -13.57 2.07 0.54
CA ARG A 23 -13.65 2.83 -0.71
C ARG A 23 -12.62 3.94 -0.72
N ASP A 24 -12.50 4.68 0.38
CA ASP A 24 -11.56 5.80 0.44
C ASP A 24 -10.14 5.29 0.26
N VAL A 25 -9.84 4.17 0.90
CA VAL A 25 -8.51 3.57 0.77
C VAL A 25 -8.28 3.14 -0.69
N TRP A 26 -9.26 2.46 -1.26
CA TRP A 26 -9.13 1.94 -2.63
C TRP A 26 -8.85 3.05 -3.62
N PHE A 27 -9.49 4.19 -3.42
CA PHE A 27 -9.39 5.25 -4.43
C PHE A 27 -8.33 6.31 -4.12
N GLY A 28 -7.42 6.01 -3.20
CA GLY A 28 -6.33 6.92 -2.89
C GLY A 28 -5.51 7.25 -4.13
N ARG A 29 -5.05 8.50 -4.24
CA ARG A 29 -4.31 8.91 -5.44
C ARG A 29 -3.06 9.72 -5.06
N ILE A 30 -1.97 9.51 -5.80
CA ILE A 30 -0.79 10.36 -5.69
C ILE A 30 -0.64 11.11 -7.02
N PRO A 31 -0.85 12.43 -7.02
CA PRO A 31 -0.59 13.18 -8.26
C PRO A 31 0.92 13.17 -8.55
N THR A 32 1.30 12.81 -9.77
CA THR A 32 2.69 12.51 -10.08
C THR A 32 3.15 13.16 -11.38
N CYS A 33 4.38 13.67 -11.38
CA CYS A 33 4.93 14.25 -12.59
C CYS A 33 6.07 13.36 -13.06
N PHE A 34 5.94 12.81 -14.27
CA PHE A 34 6.99 11.97 -14.85
C PHE A 34 7.83 12.81 -15.78
N THR A 35 9.13 12.84 -15.52
CA THR A 35 10.07 13.54 -16.38
C THR A 35 11.04 12.52 -16.96
N LEU A 36 11.30 12.61 -18.28
CA LEU A 36 12.22 11.69 -18.93
C LEU A 36 13.66 12.02 -18.57
N TYR A 37 14.42 10.99 -18.22
CA TYR A 37 15.83 11.16 -17.91
C TYR A 37 16.54 11.72 -19.13
N GLN A 38 17.34 12.75 -18.89
CA GLN A 38 17.96 13.55 -19.94
C GLN A 38 18.58 12.72 -21.05
N ASP A 39 19.52 11.84 -20.68
CA ASP A 39 20.20 11.00 -21.65
C ASP A 39 19.32 9.87 -22.15
N ALA A 46 11.30 16.14 -24.62
CA ALA A 46 10.12 15.41 -24.15
C ALA A 46 9.45 16.14 -23.00
N GLU A 47 8.16 16.43 -23.13
CA GLU A 47 7.47 17.18 -22.09
C GLU A 47 7.15 16.29 -20.90
N PRO A 48 7.27 16.86 -19.67
CA PRO A 48 6.87 16.09 -18.49
C PRO A 48 5.40 15.69 -18.59
N TYR A 49 5.06 14.57 -17.95
CA TYR A 49 3.73 13.98 -18.10
C TYR A 49 3.10 13.79 -16.73
N TYR A 50 1.84 14.17 -16.58
CA TYR A 50 1.18 14.22 -15.27
C TYR A 50 0.03 13.21 -15.16
N LEU A 51 0.01 12.44 -14.08
CA LEU A 51 -1.04 11.44 -13.87
C LEU A 51 -1.41 11.34 -12.40
N LEU A 52 -2.67 11.05 -12.10
CA LEU A 52 -3.07 10.61 -10.77
C LEU A 52 -2.83 9.10 -10.68
N LEU A 53 -1.91 8.70 -9.81
CA LEU A 53 -1.56 7.28 -9.64
C LEU A 53 -2.33 6.67 -8.47
N PRO A 54 -2.87 5.46 -8.66
CA PRO A 54 -3.55 4.80 -7.54
C PRO A 54 -2.57 4.38 -6.46
N ARG A 55 -2.79 4.85 -5.24
CA ARG A 55 -1.96 4.47 -4.10
C ARG A 55 -1.85 2.95 -3.93
N VAL A 56 -2.91 2.23 -4.28
CA VAL A 56 -2.97 0.80 -3.94
C VAL A 56 -2.33 -0.10 -4.98
N SER A 57 -1.96 0.46 -6.13
CA SER A 57 -1.45 -0.35 -7.23
C SER A 57 0.07 -0.26 -7.35
N TYR A 58 0.59 -0.63 -8.51
CA TYR A 58 2.04 -0.76 -8.73
C TYR A 58 2.45 0.06 -9.93
N LEU A 59 3.61 0.73 -9.83
CA LEU A 59 4.08 1.64 -10.90
C LEU A 59 4.04 0.97 -12.28
N THR A 60 4.52 -0.27 -12.36
CA THR A 60 4.64 -0.95 -13.65
C THR A 60 3.30 -1.45 -14.20
N LEU A 61 2.24 -1.32 -13.40
CA LEU A 61 0.90 -1.74 -13.84
C LEU A 61 0.07 -0.57 -14.36
N VAL A 62 0.38 0.64 -13.91
CA VAL A 62 -0.46 1.80 -14.19
C VAL A 62 0.24 2.89 -15.03
N THR A 63 1.38 2.57 -15.62
CA THR A 63 2.10 3.58 -16.39
C THR A 63 2.15 3.34 -17.90
N ASP A 64 1.17 2.64 -18.47
CA ASP A 64 1.17 2.44 -19.93
C ASP A 64 1.16 3.78 -20.68
N LYS A 65 0.39 4.74 -20.17
CA LYS A 65 0.29 6.05 -20.81
C LYS A 65 1.63 6.78 -20.80
N VAL A 66 2.40 6.58 -19.73
CA VAL A 66 3.72 7.22 -19.59
C VAL A 66 4.65 6.63 -20.64
N LYS A 67 4.66 5.30 -20.71
CA LYS A 67 5.50 4.60 -21.66
C LYS A 67 5.16 5.04 -23.08
N LYS A 68 3.87 5.09 -23.38
CA LYS A 68 3.38 5.51 -24.69
C LYS A 68 3.88 6.92 -25.02
N HIS A 69 3.62 7.85 -24.11
CA HIS A 69 4.04 9.24 -24.24
C HIS A 69 5.52 9.42 -24.57
N PHE A 70 6.40 8.72 -23.85
CA PHE A 70 7.84 8.94 -24.00
C PHE A 70 8.50 8.10 -25.11
N GLN A 71 7.96 6.92 -25.40
CA GLN A 71 8.54 6.09 -26.47
C GLN A 71 8.34 6.71 -27.85
N LYS A 72 7.61 7.82 -27.89
CA LYS A 72 7.38 8.58 -29.12
C LYS A 72 8.55 9.50 -29.48
N VAL A 73 9.66 9.40 -28.75
CA VAL A 73 10.85 10.22 -29.02
C VAL A 73 12.13 9.39 -29.04
N MET A 74 11.99 8.10 -29.32
CA MET A 74 13.13 7.17 -29.34
C MET A 74 12.80 5.91 -30.13
N SER A 80 12.54 -6.24 -17.45
CA SER A 80 12.02 -4.88 -17.44
C SER A 80 12.99 -3.94 -18.10
N GLU A 81 12.44 -2.87 -18.67
CA GLU A 81 13.21 -1.97 -19.50
C GLU A 81 12.98 -0.51 -19.13
N ILE A 82 11.71 -0.09 -19.11
CA ILE A 82 11.40 1.20 -18.49
C ILE A 82 11.57 1.01 -16.98
N TRP A 83 12.14 2.00 -16.31
CA TRP A 83 12.22 1.93 -14.86
C TRP A 83 12.15 3.34 -14.32
N PHE A 84 11.83 3.46 -13.04
CA PHE A 84 11.53 4.75 -12.45
C PHE A 84 12.48 5.03 -11.30
N GLU A 85 12.67 6.32 -11.02
CA GLU A 85 13.70 6.72 -10.10
C GLU A 85 13.22 7.95 -9.33
N TYR A 86 13.48 7.97 -8.02
CA TYR A 86 13.18 9.15 -7.22
C TYR A 86 14.43 9.64 -6.52
N GLU A 87 14.87 10.86 -6.89
CA GLU A 87 16.05 11.48 -6.30
C GLU A 87 17.27 10.57 -6.35
N GLY A 88 17.46 9.86 -7.46
CA GLY A 88 18.67 9.07 -7.67
C GLY A 88 18.52 7.60 -7.29
N THR A 89 17.44 7.30 -6.58
CA THR A 89 17.19 5.92 -6.13
C THR A 89 16.14 5.23 -6.99
N PRO A 90 16.50 4.09 -7.61
CA PRO A 90 15.54 3.31 -8.39
C PRO A 90 14.34 2.92 -7.54
N LEU A 91 13.12 3.09 -8.06
CA LEU A 91 11.90 2.77 -7.34
C LEU A 91 11.51 1.30 -7.48
N LYS A 92 11.40 0.61 -6.35
CA LYS A 92 11.01 -0.80 -6.38
C LYS A 92 9.52 -0.95 -6.72
N TRP A 93 9.24 -1.32 -7.97
CA TRP A 93 7.88 -1.35 -8.48
C TRP A 93 7.02 -2.33 -7.72
N HIS A 94 7.63 -3.30 -7.06
CA HIS A 94 6.82 -4.31 -6.38
C HIS A 94 6.30 -3.84 -5.01
N TYR A 95 6.76 -2.67 -4.56
CA TYR A 95 6.16 -2.02 -3.40
C TYR A 95 5.01 -1.16 -3.91
N PRO A 96 3.84 -1.23 -3.26
CA PRO A 96 2.72 -0.41 -3.75
C PRO A 96 3.06 1.08 -3.83
N ILE A 97 2.45 1.74 -4.80
CA ILE A 97 2.70 3.16 -5.06
C ILE A 97 2.56 4.03 -3.81
N GLY A 98 1.47 3.85 -3.06
CA GLY A 98 1.22 4.67 -1.89
C GLY A 98 2.27 4.50 -0.81
N LEU A 99 2.83 3.29 -0.73
CA LEU A 99 3.89 3.00 0.23
C LEU A 99 5.18 3.71 -0.17
N LEU A 100 5.56 3.58 -1.45
CA LEU A 100 6.72 4.29 -1.96
C LEU A 100 6.61 5.80 -1.70
N PHE A 101 5.44 6.37 -1.99
CA PHE A 101 5.27 7.79 -1.79
C PHE A 101 5.38 8.16 -0.30
N ASP A 102 4.70 7.40 0.56
CA ASP A 102 4.67 7.77 1.97
C ASP A 102 6.09 7.74 2.54
N LEU A 103 6.82 6.70 2.17
CA LEU A 103 8.13 6.44 2.77
C LEU A 103 9.15 7.45 2.28
N LEU A 104 9.11 7.72 0.97
CA LEU A 104 10.17 8.47 0.31
C LEU A 104 9.89 9.95 0.06
N ALA A 105 8.64 10.32 -0.15
CA ALA A 105 8.34 11.65 -0.69
C ALA A 105 7.25 12.44 0.05
N SER A 106 6.71 11.89 1.13
CA SER A 106 5.52 12.50 1.73
C SER A 106 5.79 13.86 2.39
N SER A 107 7.06 14.20 2.58
CA SER A 107 7.42 15.50 3.18
C SER A 107 7.66 16.55 2.09
N SER A 108 7.64 16.13 0.84
CA SER A 108 7.87 17.04 -0.28
C SER A 108 6.53 17.47 -0.90
N ALA A 109 6.50 18.65 -1.50
CA ALA A 109 5.27 19.18 -2.10
C ALA A 109 4.80 18.30 -3.26
N LEU A 110 3.50 18.24 -3.49
CA LEU A 110 2.97 17.51 -4.65
C LEU A 110 3.07 18.42 -5.88
N PRO A 111 3.15 17.84 -7.09
CA PRO A 111 3.12 16.40 -7.38
C PRO A 111 4.46 15.70 -7.10
N TRP A 112 4.38 14.40 -6.85
CA TRP A 112 5.55 13.54 -6.74
C TRP A 112 6.34 13.58 -8.05
N ASN A 113 7.63 13.92 -7.97
CA ASN A 113 8.49 14.00 -9.15
C ASN A 113 9.28 12.71 -9.40
N ILE A 114 8.87 11.95 -10.41
CA ILE A 114 9.54 10.69 -10.73
C ILE A 114 10.27 10.85 -12.03
N THR A 115 11.50 10.36 -12.09
CA THR A 115 12.27 10.38 -13.33
C THR A 115 12.15 9.03 -14.05
N VAL A 116 11.87 9.08 -15.35
CA VAL A 116 11.66 7.87 -16.17
C VAL A 116 12.93 7.55 -16.95
N HIS A 117 13.34 6.28 -16.90
CA HIS A 117 14.56 5.85 -17.59
C HIS A 117 14.25 4.74 -18.58
N PHE A 118 15.05 4.63 -19.64
CA PHE A 118 14.89 3.57 -20.63
C PHE A 118 16.21 2.83 -20.92
N LYS A 119 17.30 3.32 -20.35
CA LYS A 119 18.62 2.73 -20.55
C LYS A 119 19.26 2.46 -19.19
N SER A 120 20.30 1.64 -19.17
CA SER A 120 21.06 1.37 -17.94
C SER A 120 20.17 0.84 -16.82
N PHE A 121 19.44 -0.24 -17.08
CA PHE A 121 18.61 -0.85 -16.05
C PHE A 121 19.48 -1.22 -14.85
N PRO A 122 19.04 -0.90 -13.62
CA PRO A 122 19.84 -1.21 -12.44
C PRO A 122 19.65 -2.67 -12.05
N GLU A 123 20.48 -3.54 -12.62
CA GLU A 123 20.29 -4.99 -12.50
C GLU A 123 20.34 -5.49 -11.05
N LYS A 124 21.13 -4.81 -10.21
CA LYS A 124 21.27 -5.23 -8.81
C LYS A 124 20.14 -4.71 -7.91
N ASP A 125 19.51 -3.61 -8.34
CA ASP A 125 18.55 -2.90 -7.48
C ASP A 125 17.08 -3.21 -7.73
N LEU A 126 16.72 -3.58 -8.96
CA LEU A 126 15.32 -3.75 -9.29
C LEU A 126 15.05 -5.13 -9.86
N LEU A 127 13.91 -5.70 -9.47
CA LEU A 127 13.37 -6.87 -10.13
C LEU A 127 12.96 -6.48 -11.54
N HIS A 128 13.26 -7.33 -12.52
CA HIS A 128 12.72 -7.13 -13.85
C HIS A 128 11.20 -7.33 -13.84
N CYS A 129 10.53 -6.62 -14.72
CA CYS A 129 9.09 -6.64 -14.87
C CYS A 129 8.77 -6.75 -16.35
N PRO A 130 8.99 -7.93 -16.93
CA PRO A 130 8.96 -8.09 -18.39
C PRO A 130 7.55 -8.07 -18.95
N SER A 131 6.55 -8.26 -18.09
CA SER A 131 5.16 -8.23 -18.53
C SER A 131 4.24 -8.10 -17.32
N LYS A 132 2.97 -7.80 -17.58
CA LYS A 132 2.00 -7.69 -16.49
C LYS A 132 1.78 -9.02 -15.77
N ASP A 133 2.09 -10.13 -16.44
CA ASP A 133 2.04 -11.46 -15.82
C ASP A 133 2.96 -11.53 -14.60
N ALA A 134 4.11 -10.87 -14.70
CA ALA A 134 5.08 -10.80 -13.61
C ALA A 134 4.51 -10.04 -12.42
N ILE A 135 3.70 -9.02 -12.73
CA ILE A 135 3.08 -8.25 -11.67
C ILE A 135 1.98 -9.10 -11.04
N GLU A 136 1.22 -9.81 -11.88
CA GLU A 136 0.16 -10.67 -11.36
C GLU A 136 0.75 -11.74 -10.43
N ALA A 137 1.87 -12.34 -10.85
CA ALA A 137 2.53 -13.36 -10.03
C ALA A 137 2.99 -12.81 -8.69
N HIS A 138 3.58 -11.63 -8.68
CA HIS A 138 3.99 -11.00 -7.43
C HIS A 138 2.77 -10.71 -6.51
N PHE A 139 1.72 -10.16 -7.10
CA PHE A 139 0.52 -9.81 -6.35
C PHE A 139 -0.13 -11.05 -5.72
N MET A 140 -0.34 -12.08 -6.52
CA MET A 140 -0.90 -13.33 -6.01
C MET A 140 0.01 -13.97 -4.95
N SER A 141 1.33 -13.83 -5.15
CA SER A 141 2.27 -14.35 -4.16
C SER A 141 2.10 -13.65 -2.81
N CYS A 142 1.90 -12.33 -2.83
CA CYS A 142 1.67 -11.58 -1.61
C CYS A 142 0.34 -11.99 -0.96
N MET A 143 -0.71 -12.10 -1.78
CA MET A 143 -2.02 -12.50 -1.26
C MET A 143 -1.97 -13.87 -0.60
N LYS A 144 -1.22 -14.78 -1.20
CA LYS A 144 -1.12 -16.12 -0.64
C LYS A 144 -0.35 -16.15 0.68
N GLU A 145 0.69 -15.31 0.78
CA GLU A 145 1.42 -15.22 2.04
C GLU A 145 0.53 -14.60 3.10
N ALA A 146 -0.26 -13.59 2.72
CA ALA A 146 -1.17 -12.99 3.68
C ALA A 146 -2.20 -14.01 4.16
N ASP A 147 -2.74 -14.83 3.26
CA ASP A 147 -3.76 -15.77 3.72
C ASP A 147 -3.17 -16.92 4.53
N ALA A 148 -1.91 -17.26 4.26
CA ALA A 148 -1.22 -18.25 5.05
C ALA A 148 -1.11 -17.75 6.48
N LEU A 149 -0.79 -16.47 6.62
CA LEU A 149 -0.70 -15.86 7.95
C LEU A 149 -2.05 -15.79 8.62
N LYS A 150 -3.07 -15.37 7.87
CA LYS A 150 -4.40 -15.17 8.44
C LYS A 150 -5.20 -16.44 8.72
N HIS A 151 -5.12 -17.43 7.81
CA HIS A 151 -5.98 -18.62 7.87
C HIS A 151 -5.27 -19.93 7.55
N LYS A 152 -3.94 -19.96 7.59
CA LYS A 152 -3.23 -21.14 7.09
C LYS A 152 -3.62 -21.51 5.64
N SER A 153 -3.85 -20.49 4.81
CA SER A 153 -4.13 -20.67 3.38
C SER A 153 -5.52 -21.25 3.06
N GLN A 154 -6.32 -21.53 4.08
CA GLN A 154 -7.61 -22.18 3.85
C GLN A 154 -8.54 -21.41 2.90
N VAL A 155 -8.58 -20.09 3.01
CA VAL A 155 -9.52 -19.32 2.22
C VAL A 155 -9.09 -19.25 0.76
N ILE A 156 -7.83 -18.88 0.54
CA ILE A 156 -7.36 -18.65 -0.81
C ILE A 156 -7.30 -19.97 -1.59
N ASN A 157 -7.04 -21.08 -0.89
CA ASN A 157 -6.93 -22.37 -1.54
C ASN A 157 -8.28 -23.00 -1.87
N GLU A 158 -9.31 -22.60 -1.14
CA GLU A 158 -10.65 -23.15 -1.39
C GLU A 158 -11.40 -22.40 -2.50
N MET A 159 -10.90 -21.22 -2.89
CA MET A 159 -11.48 -20.47 -4.00
C MET A 159 -11.26 -21.14 -5.34
N GLN A 160 -12.19 -20.94 -6.27
CA GLN A 160 -11.98 -21.37 -7.64
C GLN A 160 -10.93 -20.48 -8.30
N LYS A 161 -10.24 -21.02 -9.31
CA LYS A 161 -9.18 -20.29 -9.99
C LYS A 161 -9.65 -18.97 -10.55
N LYS A 162 -10.88 -18.94 -11.06
CA LYS A 162 -11.40 -17.71 -11.63
C LYS A 162 -11.58 -16.61 -10.57
N ASP A 163 -11.71 -17.00 -9.30
CA ASP A 163 -11.75 -16.01 -8.22
C ASP A 163 -10.39 -15.33 -8.03
N HIS A 164 -9.32 -16.09 -8.18
CA HIS A 164 -7.98 -15.50 -8.12
C HIS A 164 -7.86 -14.48 -9.25
N LYS A 165 -8.35 -14.86 -10.43
CA LYS A 165 -8.30 -13.97 -11.60
C LYS A 165 -9.13 -12.72 -11.39
N GLN A 166 -10.28 -12.88 -10.72
CA GLN A 166 -11.14 -11.73 -10.46
C GLN A 166 -10.47 -10.74 -9.52
N LEU A 167 -9.68 -11.24 -8.56
CA LEU A 167 -8.97 -10.35 -7.66
C LEU A 167 -7.97 -9.53 -8.44
N TRP A 168 -7.21 -10.23 -9.29
CA TRP A 168 -6.22 -9.55 -10.11
C TRP A 168 -6.86 -8.53 -11.04
N MET A 169 -7.91 -8.92 -11.75
CA MET A 169 -8.55 -8.03 -12.71
C MET A 169 -9.21 -6.86 -12.01
N GLY A 170 -9.70 -7.08 -10.78
CA GLY A 170 -10.26 -6.00 -9.99
C GLY A 170 -9.23 -4.90 -9.73
N LEU A 171 -8.02 -5.30 -9.34
CA LEU A 171 -6.91 -4.36 -9.16
C LEU A 171 -6.51 -3.72 -10.50
N GLN A 172 -6.24 -4.56 -11.50
CA GLN A 172 -5.75 -4.04 -12.78
C GLN A 172 -6.71 -3.04 -13.40
N ASN A 173 -8.01 -3.32 -13.32
CA ASN A 173 -9.00 -2.44 -13.95
C ASN A 173 -9.63 -1.41 -13.01
N ASP A 174 -9.09 -1.31 -11.79
CA ASP A 174 -9.54 -0.34 -10.80
C ASP A 174 -11.05 -0.48 -10.59
N ARG A 175 -11.48 -1.71 -10.30
CA ARG A 175 -12.88 -2.02 -10.08
C ARG A 175 -13.08 -2.46 -8.62
N PHE A 176 -13.48 -1.51 -7.77
CA PHE A 176 -13.64 -1.74 -6.34
C PHE A 176 -14.63 -2.88 -6.08
N ASP A 177 -15.78 -2.82 -6.76
CA ASP A 177 -16.82 -3.84 -6.55
C ASP A 177 -16.32 -5.23 -6.93
N GLN A 178 -15.63 -5.31 -8.07
CA GLN A 178 -15.16 -6.57 -8.60
C GLN A 178 -14.15 -7.19 -7.64
N PHE A 179 -13.26 -6.36 -7.12
CA PHE A 179 -12.21 -6.83 -6.22
C PHE A 179 -12.81 -7.31 -4.89
N TRP A 180 -13.67 -6.48 -4.30
CA TRP A 180 -14.17 -6.81 -2.96
C TRP A 180 -15.23 -7.91 -2.90
N ALA A 181 -15.88 -8.21 -4.03
CA ALA A 181 -16.82 -9.34 -4.06
C ALA A 181 -16.10 -10.63 -3.68
N ILE A 182 -14.81 -10.68 -4.01
CA ILE A 182 -13.96 -11.82 -3.66
C ILE A 182 -13.13 -11.54 -2.40
N ASN A 183 -12.55 -10.34 -2.30
CA ASN A 183 -11.66 -10.03 -1.19
C ASN A 183 -12.35 -10.12 0.17
N ARG A 184 -13.66 -9.91 0.18
CA ARG A 184 -14.43 -9.99 1.41
C ARG A 184 -14.19 -11.34 2.10
N LYS A 185 -13.98 -12.40 1.31
CA LYS A 185 -13.78 -13.74 1.88
C LYS A 185 -12.47 -13.88 2.65
N LEU A 186 -11.46 -13.15 2.18
CA LEU A 186 -10.16 -13.15 2.81
C LEU A 186 -10.14 -12.38 4.12
N MET A 187 -11.23 -11.65 4.41
CA MET A 187 -11.30 -10.81 5.60
C MET A 187 -12.20 -11.40 6.69
N GLU A 188 -12.76 -12.57 6.41
CA GLU A 188 -13.56 -13.28 7.41
C GLU A 188 -12.63 -14.09 8.32
N TYR A 189 -13.18 -14.59 9.42
CA TYR A 189 -12.42 -15.45 10.32
C TYR A 189 -13.40 -16.32 11.13
N PRO A 190 -12.92 -17.41 11.74
CA PRO A 190 -13.84 -18.35 12.39
C PRO A 190 -14.73 -17.74 13.48
N ALA A 191 -15.95 -18.28 13.60
CA ALA A 191 -16.93 -17.83 14.59
C ALA A 191 -16.36 -17.72 16.01
N GLU A 192 -15.60 -18.72 16.42
CA GLU A 192 -15.09 -18.78 17.79
C GLU A 192 -13.83 -17.94 18.02
N GLU A 193 -13.40 -17.21 17.00
CA GLU A 193 -12.22 -16.35 17.10
C GLU A 193 -12.60 -14.87 17.14
N ASN A 194 -11.62 -14.02 17.45
CA ASN A 194 -11.85 -12.57 17.45
C ASN A 194 -10.94 -11.86 16.47
N GLY A 195 -10.33 -12.62 15.57
CA GLY A 195 -9.50 -12.06 14.52
C GLY A 195 -8.75 -13.13 13.73
N PHE A 196 -7.88 -12.68 12.83
CA PHE A 196 -7.05 -13.61 12.04
C PHE A 196 -6.05 -14.31 12.96
N ARG A 197 -5.35 -15.32 12.44
CA ARG A 197 -4.35 -16.02 13.25
C ARG A 197 -3.17 -15.08 13.53
N TYR A 198 -2.61 -14.56 12.44
CA TYR A 198 -1.54 -13.57 12.50
C TYR A 198 -1.88 -12.46 11.52
N ILE A 199 -1.41 -11.25 11.83
CA ILE A 199 -1.66 -10.10 10.97
C ILE A 199 -0.57 -9.93 9.92
N PRO A 200 -0.96 -9.86 8.64
CA PRO A 200 0.05 -9.58 7.61
C PRO A 200 0.43 -8.10 7.60
N PHE A 201 1.68 -7.81 7.97
CA PHE A 201 2.14 -6.43 7.95
C PHE A 201 3.62 -6.41 7.58
N ARG A 202 4.07 -5.26 7.10
CA ARG A 202 5.50 -5.00 6.94
C ARG A 202 5.73 -3.56 7.32
N ILE A 203 6.82 -3.33 8.08
CA ILE A 203 7.17 -1.98 8.52
C ILE A 203 8.45 -1.53 7.82
N TYR A 204 8.40 -0.36 7.19
CA TYR A 204 9.51 0.15 6.39
C TYR A 204 10.07 1.40 7.05
N GLN A 205 11.38 1.51 7.08
CA GLN A 205 12.03 2.64 7.76
C GLN A 205 12.97 3.39 6.84
N THR A 206 12.75 4.70 6.76
CA THR A 206 13.67 5.63 6.10
C THR A 206 13.88 5.38 4.59
N THR A 207 14.36 4.20 4.21
CA THR A 207 14.55 3.88 2.79
C THR A 207 13.98 2.52 2.40
N THR A 208 13.86 2.29 1.09
CA THR A 208 13.34 1.04 0.54
C THR A 208 14.39 -0.09 0.46
N GLU A 209 15.66 0.26 0.50
CA GLU A 209 16.73 -0.75 0.42
C GLU A 209 17.03 -1.41 1.76
N ARG A 210 16.69 -0.70 2.83
CA ARG A 210 16.77 -1.26 4.17
C ARG A 210 15.71 -2.34 4.27
N PRO A 211 16.08 -3.55 4.72
CA PRO A 211 15.07 -4.60 4.86
C PRO A 211 13.92 -4.16 5.76
N PHE A 212 12.70 -4.52 5.39
CA PHE A 212 11.54 -4.18 6.20
C PHE A 212 11.49 -5.08 7.42
N ILE A 213 10.64 -4.71 8.38
CA ILE A 213 10.41 -5.55 9.56
C ILE A 213 9.14 -6.34 9.30
N GLN A 214 9.22 -7.65 9.52
CA GLN A 214 8.03 -8.49 9.44
C GLN A 214 8.19 -9.64 10.43
N LYS A 215 7.21 -9.79 11.31
CA LYS A 215 7.25 -10.79 12.38
C LYS A 215 5.88 -11.44 12.48
N LEU A 216 5.81 -12.56 13.18
CA LEU A 216 4.51 -13.13 13.49
C LEU A 216 3.93 -12.34 14.65
N PHE A 217 2.74 -11.80 14.47
CA PHE A 217 2.08 -11.04 15.52
C PHE A 217 0.59 -11.35 15.48
N ARG A 218 0.06 -11.84 16.59
CA ARG A 218 -1.36 -12.15 16.69
C ARG A 218 -2.16 -10.89 17.01
N PRO A 219 -3.37 -10.78 16.46
CA PRO A 219 -4.20 -9.61 16.72
C PRO A 219 -4.88 -9.65 18.09
N VAL A 220 -4.92 -10.81 18.72
CA VAL A 220 -5.49 -10.91 20.06
C VAL A 220 -4.42 -11.21 21.10
N ALA A 221 -4.58 -10.67 22.30
CA ALA A 221 -3.67 -10.96 23.39
C ALA A 221 -4.02 -12.33 23.99
N ALA A 222 -3.19 -12.81 24.90
CA ALA A 222 -3.43 -14.09 25.55
C ALA A 222 -4.76 -14.16 26.30
N ASP A 223 -5.32 -13.00 26.65
CA ASP A 223 -6.59 -12.96 27.37
C ASP A 223 -7.77 -12.63 26.46
N GLY A 224 -7.49 -12.48 25.16
CA GLY A 224 -8.54 -12.23 24.19
C GLY A 224 -8.80 -10.76 23.90
N GLN A 225 -8.08 -9.87 24.57
CA GLN A 225 -8.14 -8.43 24.27
C GLN A 225 -7.56 -8.20 22.88
N LEU A 226 -8.11 -7.25 22.15
CA LEU A 226 -7.54 -6.90 20.85
C LEU A 226 -6.25 -6.10 21.02
N HIS A 227 -5.19 -6.53 20.35
CA HIS A 227 -3.96 -5.75 20.29
C HIS A 227 -4.17 -4.47 19.47
N THR A 228 -3.45 -3.42 19.84
CA THR A 228 -3.52 -2.15 19.11
C THR A 228 -2.31 -1.94 18.22
N LEU A 229 -2.33 -0.87 17.42
CA LEU A 229 -1.17 -0.49 16.64
C LEU A 229 0.02 -0.21 17.57
N GLY A 230 -0.25 0.43 18.70
CA GLY A 230 0.78 0.69 19.71
C GLY A 230 1.42 -0.60 20.22
N ASP A 231 0.60 -1.62 20.46
CA ASP A 231 1.12 -2.91 20.92
C ASP A 231 2.06 -3.51 19.89
N LEU A 232 1.67 -3.43 18.62
CA LEU A 232 2.48 -3.98 17.53
C LEU A 232 3.84 -3.29 17.50
N LEU A 233 3.84 -1.96 17.56
CA LEU A 233 5.08 -1.19 17.49
C LEU A 233 5.95 -1.40 18.72
N LYS A 234 5.33 -1.48 19.89
CA LYS A 234 6.07 -1.75 21.11
C LYS A 234 6.85 -3.05 20.99
N GLU A 235 6.24 -4.05 20.35
CA GLU A 235 6.85 -5.36 20.22
C GLU A 235 7.89 -5.45 19.10
N VAL A 236 7.56 -4.90 17.93
CA VAL A 236 8.41 -5.17 16.75
C VAL A 236 9.21 -3.95 16.27
N CYS A 237 8.83 -2.76 16.71
CA CYS A 237 9.57 -1.56 16.32
C CYS A 237 9.55 -0.53 17.45
N PRO A 238 10.10 -0.89 18.62
CA PRO A 238 9.94 -0.03 19.79
C PRO A 238 10.66 1.32 19.64
N SER A 239 11.57 1.43 18.68
CA SER A 239 12.25 2.70 18.43
C SER A 239 11.26 3.78 17.99
N ALA A 240 10.12 3.34 17.50
CA ALA A 240 9.06 4.26 17.10
C ALA A 240 8.29 4.82 18.30
N ILE A 241 8.50 4.25 19.48
CA ILE A 241 7.74 4.65 20.67
C ILE A 241 8.61 5.39 21.68
N ASP A 242 8.09 6.49 22.23
CA ASP A 242 8.76 7.23 23.29
C ASP A 242 8.68 6.40 24.57
N PRO A 243 9.84 5.98 25.12
CA PRO A 243 9.86 5.15 26.31
C PRO A 243 9.35 5.85 27.58
N GLU A 244 9.39 7.18 27.60
CA GLU A 244 8.95 7.91 28.79
C GLU A 244 7.42 7.94 28.95
N ASP A 245 6.70 8.03 27.85
CA ASP A 245 5.24 8.15 27.91
C ASP A 245 4.47 7.15 27.03
N GLY A 246 5.20 6.34 26.26
CA GLY A 246 4.56 5.34 25.43
C GLY A 246 3.87 5.88 24.18
N GLU A 247 4.12 7.14 23.87
CA GLU A 247 3.52 7.76 22.69
C GLU A 247 4.47 7.72 21.51
N LYS A 248 3.93 7.97 20.32
CA LYS A 248 4.75 8.00 19.09
C LYS A 248 5.95 8.94 19.22
N LYS A 249 7.09 8.47 18.73
CA LYS A 249 8.32 9.23 18.72
C LYS A 249 8.62 9.65 17.30
N ASN A 250 8.25 8.76 16.37
CA ASN A 250 8.37 9.01 14.94
C ASN A 250 6.99 9.08 14.29
N GLN A 251 6.95 9.48 13.04
CA GLN A 251 5.71 9.50 12.27
C GLN A 251 5.39 8.08 11.77
N VAL A 252 4.20 7.58 12.08
CA VAL A 252 3.79 6.25 11.65
C VAL A 252 2.66 6.44 10.65
N MET A 253 2.94 6.13 9.38
CA MET A 253 2.02 6.44 8.29
C MET A 253 1.48 5.20 7.57
N ILE A 254 0.17 5.15 7.37
CA ILE A 254 -0.48 4.07 6.62
C ILE A 254 -1.45 4.72 5.65
N HIS A 255 -1.28 4.45 4.35
CA HIS A 255 -2.07 5.08 3.30
C HIS A 255 -2.13 6.60 3.45
N GLY A 256 -1.00 7.20 3.82
CA GLY A 256 -0.94 8.65 3.91
C GLY A 256 -1.65 9.28 5.10
N ILE A 257 -2.13 8.45 6.03
CA ILE A 257 -2.72 8.97 7.26
C ILE A 257 -2.02 8.38 8.48
N GLU A 258 -2.33 8.93 9.65
CA GLU A 258 -1.63 8.57 10.87
C GLU A 258 -2.60 8.11 11.94
N PRO A 259 -2.94 6.81 11.93
CA PRO A 259 -3.88 6.27 12.93
C PRO A 259 -3.35 6.39 14.36
N MET A 260 -4.25 6.59 15.32
CA MET A 260 -3.86 6.65 16.71
C MET A 260 -3.23 5.31 17.10
N LEU A 261 -2.40 5.31 18.12
CA LEU A 261 -1.77 4.06 18.56
C LEU A 261 -2.81 3.10 19.09
N GLU A 262 -3.91 3.62 19.63
CA GLU A 262 -4.90 2.75 20.24
C GLU A 262 -5.86 2.12 19.22
N THR A 263 -5.61 2.36 17.93
CA THR A 263 -6.42 1.74 16.89
C THR A 263 -6.22 0.21 16.92
N PRO A 264 -7.32 -0.56 16.98
CA PRO A 264 -7.20 -2.01 17.05
C PRO A 264 -6.53 -2.57 15.80
N LEU A 265 -5.60 -3.50 15.97
CA LEU A 265 -4.82 -3.98 14.83
C LEU A 265 -5.68 -4.82 13.88
N GLN A 266 -6.60 -5.61 14.43
CA GLN A 266 -7.48 -6.44 13.60
C GLN A 266 -8.30 -5.56 12.67
N TRP A 267 -8.80 -4.44 13.20
CA TRP A 267 -9.59 -3.54 12.38
C TRP A 267 -8.73 -2.93 11.28
N LEU A 268 -7.49 -2.57 11.61
CA LEU A 268 -6.57 -2.03 10.61
C LEU A 268 -6.32 -3.05 9.51
N SER A 269 -6.13 -4.30 9.89
CA SER A 269 -5.88 -5.35 8.92
C SER A 269 -7.07 -5.51 7.97
N GLU A 270 -8.29 -5.42 8.52
CA GLU A 270 -9.49 -5.61 7.71
C GLU A 270 -9.74 -4.44 6.77
N HIS A 271 -9.40 -3.23 7.21
CA HIS A 271 -9.85 -2.03 6.51
C HIS A 271 -8.77 -1.19 5.87
N LEU A 272 -7.55 -1.28 6.39
CA LEU A 272 -6.49 -0.43 5.87
C LEU A 272 -5.38 -1.23 5.20
N SER A 273 -5.61 -2.51 4.99
CA SER A 273 -4.68 -3.28 4.18
C SER A 273 -4.72 -2.82 2.73
N TYR A 274 -3.65 -3.07 2.01
CA TYR A 274 -3.63 -2.87 0.57
C TYR A 274 -4.37 -4.05 -0.07
N PRO A 275 -4.63 -3.98 -1.39
CA PRO A 275 -5.28 -5.11 -2.08
C PRO A 275 -4.53 -6.42 -1.87
N ASP A 276 -3.21 -6.37 -1.69
CA ASP A 276 -2.44 -7.58 -1.47
C ASP A 276 -2.65 -8.18 -0.07
N ASN A 277 -3.59 -7.58 0.67
CA ASN A 277 -3.97 -8.00 2.02
C ASN A 277 -2.91 -7.70 3.09
N PHE A 278 -1.91 -6.87 2.76
CA PHE A 278 -0.90 -6.49 3.76
C PHE A 278 -1.12 -5.10 4.31
N LEU A 279 -0.81 -4.93 5.61
CA LEU A 279 -0.67 -3.59 6.18
C LEU A 279 0.76 -3.15 5.95
N HIS A 280 1.00 -2.36 4.91
CA HIS A 280 2.33 -1.78 4.71
C HIS A 280 2.36 -0.46 5.48
N ILE A 281 3.34 -0.33 6.38
CA ILE A 281 3.44 0.77 7.33
C ILE A 281 4.78 1.49 7.20
N SER A 282 4.76 2.81 7.06
CA SER A 282 5.99 3.62 6.96
C SER A 282 6.31 4.27 8.29
N ILE A 283 7.57 4.21 8.70
CA ILE A 283 8.03 4.94 9.88
C ILE A 283 8.97 6.02 9.39
N ILE A 284 8.63 7.27 9.71
CA ILE A 284 9.38 8.43 9.26
C ILE A 284 9.84 9.26 10.45
N PRO A 285 11.16 9.47 10.58
CA PRO A 285 11.73 10.21 11.72
C PRO A 285 11.22 11.64 11.79
N GLN B 3 -22.16 6.70 20.31
CA GLN B 3 -20.83 7.15 20.72
C GLN B 3 -19.73 6.39 19.99
N THR B 4 -18.79 7.14 19.39
CA THR B 4 -17.76 6.58 18.53
C THR B 4 -16.35 6.74 19.14
N ALA B 5 -15.55 5.68 19.05
CA ALA B 5 -14.20 5.69 19.61
C ALA B 5 -13.36 6.79 18.97
N ALA B 6 -12.48 7.39 19.77
CA ALA B 6 -11.59 8.43 19.28
C ALA B 6 -10.76 7.96 18.08
N TRP B 7 -10.24 6.74 18.15
CA TRP B 7 -9.42 6.24 17.06
C TRP B 7 -10.19 6.20 15.75
N ARG B 8 -11.48 5.88 15.85
CA ARG B 8 -12.30 5.75 14.65
C ARG B 8 -12.57 7.13 14.06
N LYS B 9 -12.92 8.08 14.92
CA LYS B 9 -13.10 9.45 14.47
C LYS B 9 -11.86 10.00 13.78
N GLN B 10 -10.69 9.65 14.29
CA GLN B 10 -9.43 10.09 13.69
C GLN B 10 -9.24 9.53 12.29
N ILE B 11 -9.62 8.27 12.08
CA ILE B 11 -9.48 7.68 10.74
C ILE B 11 -10.31 8.48 9.75
N PHE B 12 -11.56 8.74 10.11
CA PHE B 12 -12.44 9.44 9.20
C PHE B 12 -12.01 10.88 8.93
N GLN B 13 -11.60 11.59 9.99
CA GLN B 13 -11.13 12.97 9.82
C GLN B 13 -9.85 13.04 8.98
N GLN B 14 -8.91 12.14 9.24
CA GLN B 14 -7.67 12.14 8.45
C GLN B 14 -7.90 11.77 6.99
N LEU B 15 -8.85 10.88 6.73
CA LEU B 15 -9.15 10.52 5.34
C LEU B 15 -9.81 11.70 4.64
N THR B 16 -10.67 12.43 5.36
CA THR B 16 -11.31 13.62 4.80
C THR B 16 -10.24 14.63 4.41
N GLU B 17 -9.25 14.80 5.28
CA GLU B 17 -8.17 15.74 5.02
C GLU B 17 -7.28 15.27 3.86
N ARG B 18 -7.03 13.97 3.78
CA ARG B 18 -6.16 13.44 2.74
C ARG B 18 -6.76 13.67 1.36
N THR B 19 -8.07 13.51 1.25
CA THR B 19 -8.73 13.74 -0.04
C THR B 19 -8.52 15.16 -0.52
N LYS B 20 -8.61 16.11 0.41
CA LYS B 20 -8.41 17.51 0.05
C LYS B 20 -6.93 17.77 -0.27
N ARG B 21 -6.05 17.11 0.45
CA ARG B 21 -4.62 17.30 0.27
C ARG B 21 -4.13 16.69 -1.06
N GLU B 22 -4.66 15.52 -1.43
CA GLU B 22 -4.13 14.79 -2.58
C GLU B 22 -4.94 15.01 -3.88
N LEU B 23 -6.08 15.70 -3.78
CA LEU B 23 -6.94 15.97 -4.96
C LEU B 23 -7.34 17.43 -5.27
N GLU B 24 -7.30 18.33 -4.27
CA GLU B 24 -7.80 19.71 -4.43
C GLU B 24 -7.18 20.44 -5.62
N ASN B 25 -5.87 20.35 -5.76
CA ASN B 25 -5.16 21.07 -6.82
C ASN B 25 -4.90 20.22 -8.04
N PHE B 26 -5.47 19.00 -8.07
CA PHE B 26 -5.01 18.02 -9.05
C PHE B 26 -6.11 17.28 -9.82
N ARG B 27 -7.37 17.68 -9.65
CA ARG B 27 -8.46 17.01 -10.37
C ARG B 27 -8.43 17.20 -11.89
N HIS B 28 -7.56 18.09 -12.36
CA HIS B 28 -7.36 18.27 -13.80
C HIS B 28 -6.33 17.28 -14.36
N TYR B 29 -5.65 16.53 -13.48
CA TYR B 29 -4.73 15.50 -13.95
C TYR B 29 -5.51 14.32 -14.53
N GLU B 30 -4.96 13.72 -15.58
CA GLU B 30 -5.51 12.49 -16.14
C GLU B 30 -5.39 11.33 -15.17
N GLN B 31 -6.34 10.40 -15.23
CA GLN B 31 -6.22 9.18 -14.43
C GLN B 31 -5.25 8.24 -15.13
N ALA B 32 -4.35 7.63 -14.35
CA ALA B 32 -3.42 6.66 -14.92
C ALA B 32 -4.22 5.48 -15.48
N VAL B 33 -5.22 5.05 -14.71
CA VAL B 33 -6.13 3.99 -15.13
C VAL B 33 -7.53 4.53 -15.35
N GLU B 34 -8.05 4.39 -16.56
CA GLU B 34 -9.41 4.81 -16.87
C GLU B 34 -10.17 3.70 -17.56
#